data_9HSB
#
_entry.id   9HSB
#
_cell.length_a   50.441
_cell.length_b   68.195
_cell.length_c   117.016
_cell.angle_alpha   90.000
_cell.angle_beta   90.000
_cell.angle_gamma   90.000
#
_symmetry.space_group_name_H-M   'I 2 2 2'
#
loop_
_entity.id
_entity.type
_entity.pdbx_description
1 polymer 'Cholinephosphate cytidylyltransferase'
2 non-polymer (5-methyl-1,2-oxazol-3-yl)methanamine
3 water water
#
_entity_poly.entity_id   1
_entity_poly.type   'polypeptide(L)'
_entity_poly.pdbx_seq_one_letter_code
;GHMAVPDDDDDDDNSNDESEYESSQMDSEKNKGSIKNSKNVVIYADGVYDMLHLGHMKQLEQAKKLFENTTLIVGVTSDN
ETKLFKGQVVQTLEERTETLKHIRWVDEIISPCPWVVTPEFLEKYKIDYVAHDDIPYANNQKEDIYAWLKRAGKFKATQR
TEGVSTTDLIVRILKNYEDY
;
_entity_poly.pdbx_strand_id   A
#
# COMPACT_ATOMS: atom_id res chain seq x y z
N SER A 38 3.19 -1.29 -24.40
CA SER A 38 2.66 0.00 -24.82
C SER A 38 1.25 0.21 -24.28
N LYS A 39 0.45 -0.85 -24.27
CA LYS A 39 -0.89 -0.76 -23.73
C LYS A 39 -0.85 -0.43 -22.25
N ASN A 40 -1.79 0.39 -21.81
CA ASN A 40 -1.85 0.77 -20.40
C ASN A 40 -2.33 -0.40 -19.56
N VAL A 41 -1.64 -0.61 -18.44
CA VAL A 41 -1.91 -1.71 -17.52
C VAL A 41 -2.30 -1.10 -16.17
N VAL A 42 -3.37 -1.63 -15.57
CA VAL A 42 -3.88 -1.13 -14.30
C VAL A 42 -3.32 -1.96 -13.16
N ILE A 43 -2.67 -1.29 -12.21
CA ILE A 43 -2.02 -1.91 -11.07
C ILE A 43 -2.76 -1.51 -9.81
N TYR A 44 -2.98 -2.45 -8.90
CA TYR A 44 -3.61 -2.18 -7.63
C TYR A 44 -2.66 -2.54 -6.49
N ALA A 45 -2.54 -1.63 -5.52
CA ALA A 45 -1.84 -1.91 -4.27
C ALA A 45 -2.71 -1.41 -3.14
N ASP A 46 -2.71 -2.11 -2.01
CA ASP A 46 -3.50 -1.65 -0.88
C ASP A 46 -2.65 -1.71 0.39
N GLY A 47 -3.18 -1.14 1.45
CA GLY A 47 -2.43 -1.01 2.67
C GLY A 47 -3.10 -0.01 3.59
N VAL A 48 -2.46 0.17 4.74
CA VAL A 48 -2.97 1.12 5.72
C VAL A 48 -2.44 2.52 5.42
N TYR A 49 -1.15 2.61 5.10
CA TYR A 49 -0.48 3.89 4.83
C TYR A 49 -0.63 4.84 6.03
N ASP A 50 -0.53 4.27 7.24
CA ASP A 50 -0.48 5.08 8.46
C ASP A 50 0.90 5.73 8.58
N MET A 51 0.92 7.00 8.98
CA MET A 51 2.16 7.76 9.15
C MET A 51 3.12 7.56 7.96
N LEU A 52 2.65 7.97 6.78
CA LEU A 52 3.31 7.62 5.51
C LEU A 52 4.78 8.00 5.53
N HIS A 53 5.62 7.06 5.07
CA HIS A 53 7.07 7.23 5.13
C HIS A 53 7.72 6.78 3.81
N LEU A 54 9.04 6.93 3.75
CA LEU A 54 9.80 6.60 2.55
C LEU A 54 9.62 5.14 2.17
N GLY A 55 9.44 4.25 3.15
CA GLY A 55 9.22 2.85 2.84
C GLY A 55 7.96 2.64 2.01
N HIS A 56 6.85 3.28 2.41
CA HIS A 56 5.62 3.23 1.60
C HIS A 56 5.87 3.78 0.20
N MET A 57 6.52 4.96 0.14
CA MET A 57 6.72 5.64 -1.13
C MET A 57 7.51 4.80 -2.12
N LYS A 58 8.56 4.15 -1.65
CA LYS A 58 9.35 3.29 -2.53
C LYS A 58 8.56 2.08 -3.00
N GLN A 59 7.65 1.58 -2.16
CA GLN A 59 6.84 0.44 -2.58
C GLN A 59 5.81 0.88 -3.62
N LEU A 60 5.26 2.07 -3.46
CA LEU A 60 4.36 2.62 -4.47
C LEU A 60 5.09 2.89 -5.77
N GLU A 61 6.29 3.47 -5.71
CA GLU A 61 7.11 3.64 -6.91
C GLU A 61 7.32 2.32 -7.62
N GLN A 62 7.62 1.26 -6.86
CA GLN A 62 7.91 -0.03 -7.49
C GLN A 62 6.68 -0.56 -8.19
N ALA A 63 5.51 -0.43 -7.56
CA ALA A 63 4.26 -0.84 -8.20
C ALA A 63 3.99 -0.03 -9.45
N LYS A 64 4.16 1.30 -9.38
CA LYS A 64 3.92 2.15 -10.54
C LYS A 64 4.82 1.76 -11.72
N LYS A 65 6.04 1.32 -11.46
CA LYS A 65 6.99 1.05 -12.53
C LYS A 65 7.08 -0.42 -12.90
N LEU A 66 6.10 -1.23 -12.52
CA LEU A 66 6.11 -2.64 -12.92
C LEU A 66 6.11 -2.79 -14.44
N PHE A 67 5.44 -1.89 -15.15
CA PHE A 67 5.42 -1.91 -16.61
C PHE A 67 5.60 -0.48 -17.13
N GLU A 68 5.81 -0.35 -18.44
CA GLU A 68 6.15 0.95 -19.00
C GLU A 68 4.99 1.95 -18.87
N ASN A 69 3.76 1.52 -19.12
CA ASN A 69 2.59 2.38 -19.07
C ASN A 69 1.58 1.77 -18.10
N THR A 70 1.39 2.42 -16.96
CA THR A 70 0.53 1.91 -15.90
C THR A 70 -0.39 3.00 -15.38
N THR A 71 -1.49 2.54 -14.79
CA THR A 71 -2.31 3.32 -13.87
C THR A 71 -2.18 2.64 -12.52
N LEU A 72 -1.73 3.36 -11.51
CA LEU A 72 -1.60 2.81 -10.17
C LEU A 72 -2.79 3.26 -9.33
N ILE A 73 -3.62 2.29 -8.93
CA ILE A 73 -4.73 2.50 -8.00
C ILE A 73 -4.26 2.04 -6.64
N VAL A 74 -4.49 2.86 -5.62
CA VAL A 74 -4.06 2.55 -4.25
C VAL A 74 -5.31 2.45 -3.38
N GLY A 75 -5.45 1.33 -2.68
CA GLY A 75 -6.56 1.14 -1.76
C GLY A 75 -6.08 1.40 -0.34
N VAL A 76 -6.90 2.12 0.42
CA VAL A 76 -6.57 2.54 1.78
C VAL A 76 -7.59 1.91 2.71
N THR A 77 -7.12 1.14 3.69
CA THR A 77 -8.04 0.35 4.53
C THR A 77 -8.79 1.25 5.52
N SER A 78 -10.00 0.80 5.88
CA SER A 78 -10.84 1.60 6.76
C SER A 78 -10.32 1.57 8.20
N ASP A 79 -10.71 2.59 8.98
CA ASP A 79 -10.34 2.61 10.41
C ASP A 79 -10.80 1.35 11.12
N ASN A 80 -12.08 0.99 10.95
CA ASN A 80 -12.65 -0.09 11.75
C ASN A 80 -11.98 -1.42 11.44
N GLU A 81 -11.82 -1.73 10.15
CA GLU A 81 -11.28 -3.02 9.77
C GLU A 81 -9.81 -3.14 10.12
N THR A 82 -9.04 -2.06 9.94
CA THR A 82 -7.64 -2.08 10.33
C THR A 82 -7.51 -2.36 11.83
N LYS A 83 -8.29 -1.64 12.63
CA LYS A 83 -8.23 -1.81 14.08
C LYS A 83 -8.65 -3.22 14.49
N LEU A 84 -9.64 -3.78 13.81
CA LEU A 84 -10.16 -5.09 14.20
C LEU A 84 -9.20 -6.21 13.83
N PHE A 85 -8.64 -6.15 12.63
CA PHE A 85 -7.85 -7.25 12.06
C PHE A 85 -6.35 -7.07 12.18
N LYS A 86 -5.86 -5.85 12.43
CA LYS A 86 -4.43 -5.59 12.33
C LYS A 86 -3.91 -4.83 13.55
N GLY A 87 -4.53 -3.71 13.87
CA GLY A 87 -4.06 -2.90 14.98
C GLY A 87 -4.60 -1.48 14.88
N GLN A 88 -4.40 -0.72 15.96
CA GLN A 88 -4.94 0.63 16.01
C GLN A 88 -4.18 1.52 15.03
N VAL A 89 -4.93 2.33 14.32
CA VAL A 89 -4.33 3.26 13.36
C VAL A 89 -4.09 4.57 14.10
N VAL A 90 -2.98 5.24 13.76
CA VAL A 90 -2.72 6.56 14.33
C VAL A 90 -3.61 7.60 13.67
N GLN A 91 -3.68 7.57 12.35
CA GLN A 91 -4.37 8.56 11.55
C GLN A 91 -5.65 7.99 10.97
N THR A 92 -6.70 8.82 10.95
CA THR A 92 -7.98 8.42 10.40
C THR A 92 -7.87 8.20 8.90
N LEU A 93 -8.87 7.53 8.32
CA LEU A 93 -8.85 7.22 6.90
C LEU A 93 -8.68 8.48 6.07
N GLU A 94 -9.45 9.52 6.36
CA GLU A 94 -9.38 10.74 5.57
C GLU A 94 -7.97 11.34 5.59
N GLU A 95 -7.28 11.27 6.74
CA GLU A 95 -5.94 11.82 6.84
C GLU A 95 -4.94 10.98 6.04
N ARG A 96 -5.07 9.66 6.13
CA ARG A 96 -4.14 8.79 5.41
C ARG A 96 -4.27 8.98 3.93
N THR A 97 -5.50 9.15 3.46
CA THR A 97 -5.75 9.32 2.04
C THR A 97 -5.31 10.70 1.57
N GLU A 98 -5.57 11.73 2.37
CA GLU A 98 -5.14 13.08 1.98
C GLU A 98 -3.64 13.15 1.83
N THR A 99 -2.89 12.34 2.60
CA THR A 99 -1.44 12.35 2.47
C THR A 99 -0.99 11.61 1.21
N LEU A 100 -1.57 10.44 0.92
CA LEU A 100 -1.22 9.69 -0.29
C LEU A 100 -1.46 10.48 -1.56
N LYS A 101 -2.47 11.36 -1.55
CA LYS A 101 -2.78 12.18 -2.70
C LYS A 101 -1.58 12.98 -3.20
N HIS A 102 -0.59 13.21 -2.35
CA HIS A 102 0.57 14.03 -2.70
C HIS A 102 1.71 13.22 -3.31
N ILE A 103 1.54 11.91 -3.44
CA ILE A 103 2.64 11.04 -3.87
C ILE A 103 2.59 10.90 -5.39
N ARG A 104 3.74 11.13 -6.03
CA ARG A 104 3.83 11.22 -7.49
C ARG A 104 3.27 9.99 -8.17
N TRP A 105 3.47 8.82 -7.57
CA TRP A 105 3.22 7.56 -8.25
C TRP A 105 1.75 7.19 -8.24
N VAL A 106 0.93 7.89 -7.46
CA VAL A 106 -0.45 7.50 -7.18
C VAL A 106 -1.35 8.13 -8.23
N ASP A 107 -2.04 7.30 -9.00
CA ASP A 107 -2.97 7.79 -10.01
C ASP A 107 -4.41 7.83 -9.53
N GLU A 108 -4.83 6.84 -8.75
CA GLU A 108 -6.19 6.78 -8.24
C GLU A 108 -6.15 6.16 -6.86
N ILE A 109 -7.04 6.60 -5.99
CA ILE A 109 -7.14 6.06 -4.63
C ILE A 109 -8.56 5.59 -4.41
N ILE A 110 -8.70 4.39 -3.87
CA ILE A 110 -9.99 3.87 -3.41
C ILE A 110 -9.93 3.89 -1.90
N SER A 111 -10.77 4.74 -1.27
CA SER A 111 -10.71 5.04 0.16
C SER A 111 -12.11 5.16 0.73
N PRO A 112 -12.59 4.16 1.50
CA PRO A 112 -11.86 2.97 1.94
C PRO A 112 -11.84 1.88 0.89
N CYS A 113 -10.86 1.02 0.96
CA CYS A 113 -10.87 -0.15 0.11
C CYS A 113 -11.40 -1.35 0.88
N PRO A 114 -11.77 -2.43 0.19
CA PRO A 114 -12.16 -3.64 0.90
C PRO A 114 -10.96 -4.23 1.63
N TRP A 115 -11.24 -4.90 2.75
CA TRP A 115 -10.14 -5.50 3.51
C TRP A 115 -9.55 -6.69 2.77
N VAL A 116 -10.40 -7.48 2.12
CA VAL A 116 -9.95 -8.64 1.33
C VAL A 116 -10.23 -8.36 -0.14
N VAL A 117 -9.19 -8.52 -0.98
CA VAL A 117 -9.36 -8.39 -2.43
C VAL A 117 -10.11 -9.61 -2.97
N THR A 118 -11.08 -9.37 -3.84
CA THR A 118 -11.86 -10.43 -4.47
C THR A 118 -11.74 -10.35 -5.99
N PRO A 119 -11.97 -11.47 -6.69
CA PRO A 119 -11.99 -11.41 -8.17
C PRO A 119 -13.01 -10.40 -8.69
N GLU A 120 -14.19 -10.34 -8.06
CA GLU A 120 -15.19 -9.36 -8.48
C GLU A 120 -14.67 -7.94 -8.38
N PHE A 121 -13.90 -7.64 -7.33
CA PHE A 121 -13.31 -6.31 -7.17
C PHE A 121 -12.35 -5.97 -8.32
N LEU A 122 -11.51 -6.94 -8.72
CA LEU A 122 -10.60 -6.70 -9.85
C LEU A 122 -11.36 -6.46 -11.15
N GLU A 123 -12.47 -7.16 -11.35
CA GLU A 123 -13.24 -6.94 -12.56
C GLU A 123 -13.94 -5.59 -12.52
N LYS A 124 -14.47 -5.20 -11.35
CA LYS A 124 -15.17 -3.94 -11.25
C LYS A 124 -14.26 -2.76 -11.58
N TYR A 125 -13.03 -2.76 -11.07
CA TYR A 125 -12.10 -1.67 -11.33
C TYR A 125 -11.15 -1.95 -12.48
N LYS A 126 -11.37 -3.02 -13.23
CA LYS A 126 -10.56 -3.35 -14.40
C LYS A 126 -9.07 -3.40 -14.04
N ILE A 127 -8.78 -4.08 -12.94
CA ILE A 127 -7.42 -4.21 -12.43
C ILE A 127 -6.72 -5.38 -13.11
N ASP A 128 -5.53 -5.13 -13.67
CA ASP A 128 -4.75 -6.17 -14.35
C ASP A 128 -3.81 -6.91 -13.40
N TYR A 129 -3.18 -6.22 -12.46
CA TYR A 129 -2.26 -6.85 -11.54
C TYR A 129 -2.45 -6.24 -10.15
N VAL A 130 -2.15 -7.05 -9.14
CA VAL A 130 -2.10 -6.62 -7.74
C VAL A 130 -0.64 -6.66 -7.32
N ALA A 131 -0.12 -5.52 -6.87
CA ALA A 131 1.23 -5.46 -6.31
C ALA A 131 1.15 -5.59 -4.79
N HIS A 132 1.93 -6.51 -4.22
CA HIS A 132 1.87 -6.77 -2.78
C HIS A 132 3.22 -7.28 -2.29
N ASP A 133 3.38 -7.29 -0.97
CA ASP A 133 4.54 -7.91 -0.34
C ASP A 133 4.46 -9.43 -0.44
N ASP A 134 5.62 -10.07 -0.29
CA ASP A 134 5.72 -11.54 -0.21
C ASP A 134 4.86 -12.24 -1.28
N GLU A 143 -2.37 -20.48 4.54
CA GLU A 143 -2.45 -21.29 3.32
C GLU A 143 -2.30 -20.40 2.09
N ASP A 144 -1.60 -19.28 2.24
CA ASP A 144 -1.43 -18.30 1.18
C ASP A 144 -2.78 -17.75 0.75
N ILE A 145 -3.22 -16.68 1.40
CA ILE A 145 -4.47 -16.03 1.05
C ILE A 145 -4.48 -15.50 -0.37
N TYR A 146 -3.31 -15.43 -1.01
CA TYR A 146 -3.18 -14.87 -2.36
C TYR A 146 -2.82 -15.92 -3.39
N ALA A 147 -3.00 -17.21 -3.05
CA ALA A 147 -2.78 -18.25 -4.05
C ALA A 147 -3.60 -17.98 -5.30
N TRP A 148 -4.82 -17.49 -5.14
CA TRP A 148 -5.68 -17.30 -6.30
C TRP A 148 -5.18 -16.17 -7.19
N LEU A 149 -4.58 -15.12 -6.61
CA LEU A 149 -3.97 -14.07 -7.43
C LEU A 149 -2.78 -14.62 -8.21
N LYS A 150 -1.97 -15.46 -7.58
CA LYS A 150 -0.82 -16.03 -8.30
C LYS A 150 -1.29 -16.96 -9.42
N ARG A 151 -2.26 -17.83 -9.12
CA ARG A 151 -2.82 -18.71 -10.15
C ARG A 151 -3.39 -17.93 -11.32
N ALA A 152 -3.84 -16.71 -11.10
CA ALA A 152 -4.43 -15.90 -12.16
C ALA A 152 -3.40 -15.07 -12.92
N GLY A 153 -2.13 -15.11 -12.52
CA GLY A 153 -1.13 -14.28 -13.18
C GLY A 153 -1.18 -12.84 -12.76
N LYS A 154 -1.87 -12.53 -11.67
CA LYS A 154 -2.08 -11.14 -11.28
C LYS A 154 -1.28 -10.72 -10.06
N PHE A 155 -0.42 -11.59 -9.52
CA PHE A 155 0.39 -11.28 -8.33
C PHE A 155 1.74 -10.72 -8.77
N LYS A 156 2.07 -9.52 -8.30
CA LYS A 156 3.36 -8.88 -8.60
C LYS A 156 3.99 -8.47 -7.28
N ALA A 157 5.12 -9.06 -6.95
CA ALA A 157 5.75 -8.80 -5.67
C ALA A 157 6.45 -7.44 -5.67
N THR A 158 6.34 -6.73 -4.55
CA THR A 158 7.11 -5.53 -4.26
C THR A 158 7.79 -5.70 -2.91
N GLN A 159 8.88 -4.96 -2.71
CA GLN A 159 9.74 -5.12 -1.54
C GLN A 159 9.54 -3.97 -0.56
N ARG A 160 9.65 -4.30 0.73
CA ARG A 160 9.69 -3.30 1.78
C ARG A 160 11.13 -2.84 2.00
N THR A 161 11.27 -1.60 2.44
CA THR A 161 12.57 -1.06 2.82
C THR A 161 12.64 -0.97 4.34
N GLU A 162 13.74 -1.45 4.92
CA GLU A 162 13.93 -1.39 6.36
C GLU A 162 14.65 -0.11 6.75
N GLY A 163 14.37 0.36 7.98
CA GLY A 163 15.12 1.43 8.60
C GLY A 163 14.66 2.84 8.32
N VAL A 164 13.60 3.03 7.54
CA VAL A 164 13.18 4.33 7.04
C VAL A 164 11.78 4.71 7.50
N SER A 165 11.21 3.97 8.44
CA SER A 165 9.83 4.23 8.82
C SER A 165 9.76 5.51 9.67
N THR A 166 8.53 5.99 9.85
CA THR A 166 8.31 7.14 10.72
C THR A 166 8.76 6.83 12.15
N THR A 167 8.41 5.65 12.67
CA THR A 167 8.86 5.31 14.04
C THR A 167 10.37 5.18 14.09
N ASP A 168 10.99 4.65 13.04
CA ASP A 168 12.45 4.59 12.99
C ASP A 168 13.05 5.97 13.21
N LEU A 169 12.48 6.99 12.55
CA LEU A 169 13.01 8.35 12.73
C LEU A 169 12.89 8.80 14.17
N ILE A 170 11.79 8.47 14.84
CA ILE A 170 11.62 8.90 16.23
C ILE A 170 12.62 8.16 17.12
N VAL A 171 12.89 6.88 16.81
CA VAL A 171 13.89 6.14 17.57
C VAL A 171 15.26 6.78 17.41
N ARG A 172 15.57 7.32 16.23
CA ARG A 172 16.84 8.01 16.05
C ARG A 172 16.92 9.25 16.94
N ILE A 173 15.80 9.96 17.11
CA ILE A 173 15.79 11.12 18.01
C ILE A 173 16.07 10.67 19.43
N LEU A 174 15.36 9.65 19.89
CA LEU A 174 15.54 9.18 21.27
C LEU A 174 16.97 8.73 21.52
N LYS A 175 17.60 8.13 20.51
CA LYS A 175 18.98 7.66 20.69
C LYS A 175 19.98 8.81 20.86
N ASN A 176 19.55 10.06 20.72
CA ASN A 176 20.43 11.20 20.99
C ASN A 176 20.57 11.50 22.48
N TYR A 177 19.70 10.94 23.32
CA TYR A 177 19.76 11.17 24.76
C TYR A 177 20.39 9.95 25.41
N GLU A 178 21.67 10.08 25.76
CA GLU A 178 22.34 9.05 26.53
C GLU A 178 21.52 8.68 27.75
N ASP A 179 21.39 7.38 28.00
CA ASP A 179 20.57 6.93 29.12
C ASP A 179 21.09 7.45 30.45
N TYR A 180 22.40 7.69 30.56
CA TYR A 180 23.00 8.10 31.83
C TYR A 180 23.77 9.41 31.68
#